data_3ZBW
#
_entry.id   3ZBW
#
_cell.length_a   28.196
_cell.length_b   95.673
_cell.length_c   41.669
_cell.angle_alpha   90.00
_cell.angle_beta   100.99
_cell.angle_gamma   90.00
#
_symmetry.space_group_name_H-M   'P 1 21 1'
#
loop_
_entity.id
_entity.type
_entity.pdbx_description
1 polymer ANGIOGENIN-3
2 non-polymer 'ACETIC ACID'
3 non-polymer 'SULFATE ION'
4 non-polymer 'ZINC ION'
5 water water
#
_entity_poly.entity_id   1
_entity_poly.type   'polypeptide(L)'
_entity_poly.pdbx_seq_one_letter_code
;QDNYRYIKFLTQHYDAKPTGRDYRYCESMMKKRKLTSPCKEVNTFIHDTKNNIKAICGENGNPYGVNFRISNSRFQVTTC
THKGGSPRPPCQYNAFKDFRYIVIACEDGWPVHFDESFISP
;
_entity_poly.pdbx_strand_id   A,B
#
# COMPACT_ATOMS: atom_id res chain seq x y z
N ASP A 2 13.54 16.86 12.02
CA ASP A 2 12.98 15.94 13.00
C ASP A 2 11.61 15.42 12.55
N ASN A 3 11.17 14.31 13.16
CA ASN A 3 10.05 13.55 12.63
C ASN A 3 8.65 13.96 13.07
N TYR A 4 8.56 14.97 13.93
CA TYR A 4 7.30 15.25 14.62
C TYR A 4 6.07 15.35 13.70
N ARG A 5 6.08 16.27 12.73
CA ARG A 5 4.91 16.48 11.87
C ARG A 5 4.59 15.26 10.99
N TYR A 6 5.63 14.55 10.54
CA TYR A 6 5.42 13.35 9.74
C TYR A 6 4.75 12.25 10.56
N ILE A 7 5.28 11.98 11.75
CA ILE A 7 4.65 11.01 12.64
C ILE A 7 3.23 11.44 13.00
N LYS A 8 3.05 12.73 13.28
CA LYS A 8 1.70 13.22 13.57
C LYS A 8 0.78 12.94 12.38
N PHE A 9 1.32 13.12 11.16
CA PHE A 9 0.53 12.80 9.98
C PHE A 9 0.13 11.32 9.97
N LEU A 10 1.03 10.43 10.37
CA LEU A 10 0.71 9.00 10.36
C LEU A 10 -0.32 8.66 11.43
N THR A 11 -0.14 9.26 12.60
CA THR A 11 -1.05 8.99 13.72
C THR A 11 -2.49 9.29 13.32
N GLN A 12 -2.69 10.42 12.67
CA GLN A 12 -4.02 10.85 12.28
C GLN A 12 -4.54 10.25 10.96
N HIS A 13 -3.64 9.84 10.05
CA HIS A 13 -4.06 9.51 8.69
C HIS A 13 -3.54 8.21 8.10
N TYR A 14 -2.79 7.45 8.88
CA TYR A 14 -2.23 6.18 8.38
C TYR A 14 -2.77 4.96 9.14
N ASP A 15 -3.33 4.01 8.40
CA ASP A 15 -3.69 2.71 8.97
C ASP A 15 -3.57 1.62 7.90
N ALA A 16 -2.48 0.87 7.97
CA ALA A 16 -2.19 -0.18 7.00
C ALA A 16 -3.06 -1.43 7.22
N LYS A 17 -3.72 -1.51 8.37
CA LYS A 17 -4.43 -2.72 8.77
C LYS A 17 -5.84 -2.42 9.25
N PRO A 18 -6.68 -1.84 8.38
CA PRO A 18 -8.04 -1.54 8.84
C PRO A 18 -8.88 -2.83 8.92
N THR A 19 -9.93 -2.81 9.74
CA THR A 19 -11.00 -3.81 9.66
C THR A 19 -12.35 -3.10 9.71
N GLY A 20 -13.39 -3.71 9.15
CA GLY A 20 -14.72 -3.13 9.20
C GLY A 20 -14.93 -1.90 8.33
N ARG A 21 -14.14 -0.85 8.57
CA ARG A 21 -14.27 0.41 7.82
C ARG A 21 -15.68 1.00 7.88
N ASP A 22 -16.36 0.74 9.00
CA ASP A 22 -17.67 1.32 9.27
C ASP A 22 -17.61 2.32 10.42
N TYR A 23 -18.78 2.62 10.98
CA TYR A 23 -18.89 3.55 12.10
C TYR A 23 -18.02 3.08 13.27
N ARG A 24 -18.02 1.77 13.51
CA ARG A 24 -17.26 1.18 14.62
C ARG A 24 -15.75 1.34 14.39
N TYR A 25 -15.29 1.05 13.18
CA TYR A 25 -13.90 1.35 12.81
C TYR A 25 -13.52 2.81 13.13
N CYS A 26 -14.28 3.77 12.61
CA CYS A 26 -14.00 5.18 12.87
C CYS A 26 -14.04 5.52 14.36
N GLU A 27 -15.02 4.99 15.07
CA GLU A 27 -15.12 5.31 16.49
C GLU A 27 -13.96 4.73 17.31
N SER A 28 -13.58 3.50 17.03
CA SER A 28 -12.40 2.94 17.70
C SER A 28 -11.10 3.64 17.29
N MET A 29 -10.92 3.86 15.98
CA MET A 29 -9.69 4.50 15.50
C MET A 29 -9.52 5.93 15.99
N MET A 30 -10.59 6.71 15.96
CA MET A 30 -10.52 8.09 16.44
C MET A 30 -10.13 8.14 17.91
N LYS A 31 -10.66 7.21 18.68
CA LYS A 31 -10.35 7.13 20.10
C LYS A 31 -8.90 6.66 20.29
N LYS A 32 -8.55 5.57 19.59
CA LYS A 32 -7.19 5.04 19.61
C LYS A 32 -6.15 6.10 19.23
N ARG A 33 -6.42 6.88 18.17
CA ARG A 33 -5.48 7.92 17.73
C ARG A 33 -5.67 9.21 18.54
N LYS A 34 -6.42 9.11 19.62
CA LYS A 34 -6.69 10.24 20.50
C LYS A 34 -7.18 11.51 19.80
N LEU A 35 -8.11 11.33 18.86
CA LEU A 35 -8.69 12.46 18.14
C LEU A 35 -10.08 12.75 18.68
N THR A 36 -10.24 12.64 19.99
CA THR A 36 -11.57 12.64 20.62
C THR A 36 -11.73 13.67 21.75
N SER A 37 -10.69 14.46 22.01
CA SER A 37 -10.79 15.48 23.04
C SER A 37 -10.24 16.83 22.57
N PRO A 38 -11.08 17.62 21.87
CA PRO A 38 -12.48 17.35 21.53
C PRO A 38 -12.60 16.49 20.27
N CYS A 39 -13.79 15.96 20.01
CA CYS A 39 -14.04 15.15 18.82
C CYS A 39 -13.59 15.87 17.55
N LYS A 40 -12.66 15.27 16.81
CA LYS A 40 -12.26 15.83 15.52
C LYS A 40 -13.44 15.64 14.55
N GLU A 41 -13.76 16.67 13.78
CA GLU A 41 -14.97 16.66 12.95
C GLU A 41 -14.86 15.74 11.73
N VAL A 42 -13.77 15.89 10.98
CA VAL A 42 -13.54 15.06 9.80
C VAL A 42 -12.10 14.55 9.79
N ASN A 43 -11.96 13.26 9.56
CA ASN A 43 -10.62 12.68 9.57
C ASN A 43 -10.51 11.46 8.68
N THR A 44 -9.50 11.47 7.80
CA THR A 44 -9.35 10.38 6.84
C THR A 44 -8.14 9.50 7.14
N PHE A 45 -8.36 8.19 7.13
CA PHE A 45 -7.27 7.22 7.27
C PHE A 45 -6.96 6.66 5.92
N ILE A 46 -5.67 6.65 5.59
CA ILE A 46 -5.20 6.09 4.33
C ILE A 46 -4.76 4.66 4.57
N HIS A 47 -5.22 3.73 3.73
CA HIS A 47 -4.83 2.34 3.88
C HIS A 47 -3.84 1.90 2.79
N ASP A 48 -2.57 2.23 3.01
CA ASP A 48 -1.48 1.90 2.12
C ASP A 48 -0.18 1.98 2.93
N THR A 49 0.96 1.78 2.29
CA THR A 49 2.21 1.77 3.02
C THR A 49 2.67 3.21 3.28
N LYS A 50 3.50 3.38 4.31
CA LYS A 50 4.10 4.66 4.60
C LYS A 50 4.90 5.09 3.37
N ASN A 51 5.57 4.14 2.75
CA ASN A 51 6.39 4.43 1.59
C ASN A 51 5.61 5.00 0.41
N ASN A 52 4.47 4.37 0.09
CA ASN A 52 3.64 4.83 -1.01
C ASN A 52 3.00 6.18 -0.76
N ILE A 53 2.61 6.42 0.49
CA ILE A 53 2.05 7.72 0.83
C ILE A 53 3.14 8.80 0.72
N LYS A 54 4.32 8.51 1.24
CA LYS A 54 5.44 9.44 1.17
C LYS A 54 5.82 9.71 -0.28
N ALA A 55 5.60 8.71 -1.14
CA ALA A 55 5.93 8.85 -2.56
C ALA A 55 5.08 9.92 -3.25
N ILE A 56 3.95 10.29 -2.62
CA ILE A 56 3.12 11.37 -3.16
C ILE A 56 3.91 12.68 -3.12
N CYS A 57 4.82 12.79 -2.15
CA CYS A 57 5.74 13.94 -2.07
C CYS A 57 6.82 13.85 -3.13
N GLY A 58 6.99 12.66 -3.69
CA GLY A 58 7.99 12.44 -4.72
C GLY A 58 7.36 12.01 -6.03
N GLU A 59 7.87 10.92 -6.59
CA GLU A 59 7.50 10.51 -7.94
C GLU A 59 6.02 10.15 -8.16
N ASN A 60 5.34 9.64 -7.13
CA ASN A 60 3.94 9.27 -7.29
C ASN A 60 2.95 10.41 -6.99
N GLY A 61 3.43 11.65 -7.05
CA GLY A 61 2.56 12.80 -6.88
C GLY A 61 2.82 13.85 -7.93
N ASN A 62 1.98 14.88 -7.95
CA ASN A 62 2.16 16.04 -8.83
C ASN A 62 1.85 17.26 -7.98
N PRO A 63 2.36 18.44 -8.38
CA PRO A 63 2.02 19.64 -7.62
C PRO A 63 0.52 19.95 -7.69
N TYR A 64 -0.04 20.44 -6.59
CA TYR A 64 -1.46 20.74 -6.49
C TYR A 64 -1.64 22.00 -5.64
N GLY A 65 -2.22 23.04 -6.22
CA GLY A 65 -2.29 24.29 -5.50
C GLY A 65 -0.89 24.86 -5.43
N VAL A 66 -0.63 25.72 -4.46
CA VAL A 66 0.71 26.30 -4.37
C VAL A 66 1.61 25.40 -3.53
N ASN A 67 1.03 24.79 -2.51
CA ASN A 67 1.81 24.18 -1.45
C ASN A 67 1.48 22.70 -1.20
N PHE A 68 0.68 22.13 -2.08
CA PHE A 68 0.21 20.76 -1.86
C PHE A 68 0.61 19.81 -2.98
N ARG A 69 0.25 18.54 -2.80
CA ARG A 69 0.63 17.47 -3.72
C ARG A 69 -0.59 16.60 -3.91
N ILE A 70 -0.85 16.17 -5.13
CA ILE A 70 -1.95 15.24 -5.36
C ILE A 70 -1.33 13.92 -5.79
N SER A 71 -1.87 12.81 -5.31
CA SER A 71 -1.35 11.52 -5.70
C SER A 71 -1.66 11.27 -7.17
N ASN A 72 -0.78 10.50 -7.83
CA ASN A 72 -1.02 10.21 -9.23
CA ASN A 72 -0.97 10.16 -9.24
C ASN A 72 -1.81 8.92 -9.40
N SER A 73 -2.13 8.29 -8.27
CA SER A 73 -2.98 7.10 -8.28
C SER A 73 -3.93 7.17 -7.11
N ARG A 74 -4.98 6.33 -7.17
CA ARG A 74 -5.98 6.25 -6.11
C ARG A 74 -5.47 5.53 -4.88
N PHE A 75 -5.97 5.92 -3.71
CA PHE A 75 -5.67 5.23 -2.47
C PHE A 75 -6.97 4.73 -1.80
N GLN A 76 -6.88 3.58 -1.15
CA GLN A 76 -7.94 3.12 -0.27
C GLN A 76 -7.94 4.04 0.95
N VAL A 77 -9.10 4.63 1.23
CA VAL A 77 -9.20 5.50 2.39
C VAL A 77 -10.52 5.25 3.11
N THR A 78 -10.60 5.72 4.34
CA THR A 78 -11.81 5.68 5.10
C THR A 78 -11.95 7.04 5.77
N THR A 79 -13.00 7.77 5.43
CA THR A 79 -13.18 9.10 6.03
C THR A 79 -14.16 9.02 7.20
N CYS A 80 -13.75 9.53 8.35
CA CYS A 80 -14.58 9.49 9.53
C CYS A 80 -15.16 10.89 9.72
N THR A 81 -16.47 10.98 9.65
CA THR A 81 -17.14 12.28 9.82
C THR A 81 -18.00 12.27 11.09
N HIS A 82 -17.69 13.19 12.01
CA HIS A 82 -18.36 13.26 13.30
C HIS A 82 -19.86 13.49 13.15
N LYS A 83 -20.64 12.91 14.06
CA LYS A 83 -22.09 13.08 14.07
C LYS A 83 -22.58 13.13 15.51
N GLY A 84 -23.81 13.60 15.69
CA GLY A 84 -24.43 13.59 17.00
C GLY A 84 -24.38 14.95 17.67
N GLY A 85 -23.47 15.80 17.21
CA GLY A 85 -23.46 17.19 17.61
C GLY A 85 -22.69 17.59 18.85
N SER A 86 -22.05 16.64 19.53
CA SER A 86 -21.28 16.98 20.74
C SER A 86 -19.77 16.78 20.57
N PRO A 87 -18.97 17.80 20.97
CA PRO A 87 -17.51 17.75 20.86
C PRO A 87 -16.87 16.91 21.96
N ARG A 88 -17.68 16.36 22.87
CA ARG A 88 -17.15 15.53 23.95
C ARG A 88 -17.24 14.05 23.64
N PRO A 89 -16.28 13.27 24.17
CA PRO A 89 -16.35 11.81 24.16
C PRO A 89 -17.63 11.34 24.85
N PRO A 90 -18.17 10.19 24.45
CA PRO A 90 -17.67 9.44 23.30
C PRO A 90 -17.98 10.13 21.97
N CYS A 91 -17.03 10.05 21.05
CA CYS A 91 -17.19 10.70 19.75
C CYS A 91 -17.76 9.71 18.74
N GLN A 92 -18.91 10.05 18.16
CA GLN A 92 -19.55 9.20 17.17
C GLN A 92 -19.19 9.59 15.75
N TYR A 93 -19.12 8.61 14.86
CA TYR A 93 -18.69 8.83 13.48
C TYR A 93 -19.50 8.08 12.44
N ASN A 94 -19.62 8.69 11.27
CA ASN A 94 -20.07 8.02 10.05
C ASN A 94 -18.81 7.69 9.25
N ALA A 95 -18.77 6.52 8.63
CA ALA A 95 -17.60 6.11 7.86
C ALA A 95 -17.90 6.11 6.38
N PHE A 96 -17.00 6.67 5.60
CA PHE A 96 -17.12 6.58 4.16
C PHE A 96 -15.86 5.96 3.55
N LYS A 97 -16.01 4.73 3.06
CA LYS A 97 -14.95 4.01 2.37
C LYS A 97 -14.85 4.58 0.97
N ASP A 98 -13.62 4.85 0.54
CA ASP A 98 -13.43 5.33 -0.83
C ASP A 98 -12.12 4.80 -1.42
N PHE A 99 -12.06 4.82 -2.74
CA PHE A 99 -10.82 4.53 -3.45
C PHE A 99 -10.60 5.75 -4.34
N ARG A 100 -9.73 6.64 -3.90
CA ARG A 100 -9.68 7.96 -4.54
C ARG A 100 -8.31 8.63 -4.49
N TYR A 101 -8.16 9.68 -5.28
CA TYR A 101 -6.97 10.50 -5.20
C TYR A 101 -6.98 11.26 -3.89
N ILE A 102 -5.79 11.46 -3.33
CA ILE A 102 -5.66 12.20 -2.09
C ILE A 102 -4.69 13.34 -2.28
N VAL A 103 -4.91 14.40 -1.52
CA VAL A 103 -4.05 15.57 -1.58
C VAL A 103 -3.45 15.77 -0.21
N ILE A 104 -2.14 15.95 -0.18
CA ILE A 104 -1.43 16.14 1.08
C ILE A 104 -0.50 17.32 0.98
N ALA A 105 0.02 17.76 2.12
CA ALA A 105 1.14 18.71 2.14
C ALA A 105 2.39 17.93 2.53
N CYS A 106 3.50 18.24 1.87
CA CYS A 106 4.78 17.64 2.21
C CYS A 106 5.74 18.68 2.73
N GLU A 107 6.67 18.25 3.56
CA GLU A 107 7.80 19.07 3.95
C GLU A 107 9.03 18.19 3.77
N ASP A 108 9.95 18.64 2.92
CA ASP A 108 11.20 17.91 2.65
C ASP A 108 11.00 16.42 2.35
N GLY A 109 10.02 16.12 1.49
CA GLY A 109 9.79 14.76 1.06
C GLY A 109 8.91 13.95 1.99
N TRP A 110 8.46 14.54 3.09
CA TRP A 110 7.61 13.83 4.04
C TRP A 110 6.23 14.43 4.13
N PRO A 111 5.20 13.57 4.11
CA PRO A 111 3.81 13.99 4.30
C PRO A 111 3.61 14.62 5.69
N VAL A 112 2.98 15.80 5.75
CA VAL A 112 2.78 16.49 7.03
C VAL A 112 1.33 16.92 7.29
N HIS A 113 0.52 17.04 6.22
CA HIS A 113 -0.91 17.26 6.38
C HIS A 113 -1.71 16.53 5.33
N PHE A 114 -2.94 16.18 5.67
CA PHE A 114 -3.88 15.60 4.73
C PHE A 114 -4.95 16.66 4.46
N ASP A 115 -5.25 16.90 3.18
CA ASP A 115 -6.29 17.85 2.81
C ASP A 115 -7.69 17.21 2.86
N GLU A 116 -8.42 17.42 3.96
CA GLU A 116 -9.76 16.84 4.10
C GLU A 116 -10.77 17.52 3.18
N SER A 117 -10.45 18.72 2.72
CA SER A 117 -11.38 19.47 1.88
CA SER A 117 -11.37 19.49 1.88
C SER A 117 -11.34 19.02 0.42
N PHE A 118 -10.30 18.27 0.04
CA PHE A 118 -10.14 17.84 -1.33
C PHE A 118 -11.24 16.87 -1.76
N ILE A 119 -11.84 17.16 -2.92
CA ILE A 119 -12.87 16.31 -3.51
C ILE A 119 -12.34 15.64 -4.75
N SER A 120 -12.23 14.32 -4.68
CA SER A 120 -11.55 13.58 -5.73
C SER A 120 -12.51 13.23 -6.85
N PRO A 121 -11.99 13.21 -8.08
CA PRO A 121 -12.76 12.59 -9.17
C PRO A 121 -12.66 11.07 -9.05
N GLN B 1 -4.13 -22.11 7.88
CA GLN B 1 -3.62 -21.62 9.17
C GLN B 1 -2.14 -21.92 9.38
N ASP B 2 -1.63 -22.94 8.70
CA ASP B 2 -0.19 -23.03 8.55
C ASP B 2 0.21 -21.82 7.70
N ASN B 3 1.15 -21.03 8.20
CA ASN B 3 1.53 -19.81 7.50
C ASN B 3 2.59 -20.03 6.44
N TYR B 4 3.06 -21.27 6.27
CA TYR B 4 4.26 -21.49 5.46
C TYR B 4 4.19 -20.90 4.04
N ARG B 5 3.15 -21.25 3.28
CA ARG B 5 3.08 -20.78 1.90
C ARG B 5 2.83 -19.27 1.80
N TYR B 6 2.03 -18.74 2.72
CA TYR B 6 1.77 -17.31 2.76
C TYR B 6 3.04 -16.54 3.04
N ILE B 7 3.82 -17.01 4.02
CA ILE B 7 5.09 -16.33 4.39
C ILE B 7 6.09 -16.46 3.25
N LYS B 8 6.08 -17.61 2.59
CA LYS B 8 6.92 -17.83 1.41
C LYS B 8 6.57 -16.80 0.34
N PHE B 9 5.28 -16.66 0.05
CA PHE B 9 4.83 -15.58 -0.84
C PHE B 9 5.40 -14.22 -0.43
N LEU B 10 5.27 -13.86 0.85
CA LEU B 10 5.79 -12.57 1.32
C LEU B 10 7.31 -12.45 1.12
N THR B 11 8.06 -13.49 1.50
CA THR B 11 9.50 -13.46 1.35
C THR B 11 9.90 -13.18 -0.09
N GLN B 12 9.21 -13.82 -1.02
CA GLN B 12 9.58 -13.72 -2.42
C GLN B 12 8.93 -12.54 -3.12
N HIS B 13 7.81 -12.06 -2.61
CA HIS B 13 7.01 -11.12 -3.41
C HIS B 13 6.53 -9.86 -2.71
N TYR B 14 7.05 -9.57 -1.53
CA TYR B 14 6.54 -8.45 -0.77
C TYR B 14 7.67 -7.60 -0.21
N ASP B 15 7.60 -6.29 -0.47
CA ASP B 15 8.54 -5.35 0.12
C ASP B 15 7.82 -4.01 0.26
N ALA B 16 7.35 -3.72 1.46
CA ALA B 16 6.62 -2.48 1.70
C ALA B 16 7.55 -1.28 1.71
N LYS B 17 8.87 -1.55 1.81
CA LYS B 17 9.86 -0.47 1.93
C LYS B 17 11.01 -0.57 0.92
N PRO B 18 10.71 -0.50 -0.38
CA PRO B 18 11.79 -0.55 -1.36
C PRO B 18 12.64 0.73 -1.34
N THR B 19 13.90 0.61 -1.77
CA THR B 19 14.76 1.78 -1.98
C THR B 19 15.40 1.65 -3.36
N GLY B 20 15.25 2.67 -4.20
CA GLY B 20 15.87 2.67 -5.52
C GLY B 20 15.08 2.01 -6.64
N ARG B 21 14.69 0.75 -6.42
CA ARG B 21 13.98 -0.04 -7.43
C ARG B 21 14.73 -0.16 -8.78
N ASP B 22 16.05 -0.10 -8.71
CA ASP B 22 16.91 -0.30 -9.87
C ASP B 22 17.57 -1.68 -9.76
N TYR B 23 18.53 -1.97 -10.62
CA TYR B 23 19.19 -3.28 -10.64
C TYR B 23 19.87 -3.60 -9.29
N ARG B 24 20.39 -2.57 -8.63
CA ARG B 24 21.06 -2.73 -7.34
C ARG B 24 20.08 -3.17 -6.24
N TYR B 25 18.91 -2.55 -6.21
CA TYR B 25 17.78 -3.00 -5.40
C TYR B 25 17.48 -4.46 -5.68
N CYS B 26 17.33 -4.80 -6.95
CA CYS B 26 17.00 -6.17 -7.33
C CYS B 26 18.10 -7.10 -6.92
N GLU B 27 19.35 -6.74 -7.20
CA GLU B 27 20.45 -7.61 -6.83
C GLU B 27 20.58 -7.81 -5.31
N SER B 28 20.40 -6.75 -4.52
CA SER B 28 20.46 -6.92 -3.07
C SER B 28 19.23 -7.67 -2.51
N MET B 29 18.03 -7.36 -3.00
CA MET B 29 16.81 -8.04 -2.55
C MET B 29 16.78 -9.52 -2.87
N MET B 30 17.21 -9.87 -4.08
CA MET B 30 17.23 -11.28 -4.48
C MET B 30 18.19 -12.05 -3.59
N LYS B 31 19.28 -11.42 -3.19
CA LYS B 31 20.22 -12.01 -2.25
C LYS B 31 19.63 -12.08 -0.82
N LYS B 32 19.12 -10.95 -0.33
CA LYS B 32 18.55 -10.91 1.02
C LYS B 32 17.38 -11.88 1.20
N ARG B 33 16.58 -12.07 0.15
CA ARG B 33 15.47 -13.01 0.22
C ARG B 33 15.88 -14.43 -0.19
N LYS B 34 17.18 -14.65 -0.32
CA LYS B 34 17.76 -15.97 -0.60
C LYS B 34 17.23 -16.60 -1.90
N LEU B 35 17.10 -15.78 -2.94
CA LEU B 35 16.64 -16.26 -4.23
C LEU B 35 17.78 -16.30 -5.23
N THR B 36 18.96 -16.75 -4.78
CA THR B 36 20.15 -16.69 -5.63
C THR B 36 20.94 -18.00 -5.71
N SER B 37 20.43 -19.03 -5.05
CA SER B 37 21.06 -20.36 -5.13
C SER B 37 20.01 -21.41 -5.46
N PRO B 38 19.71 -21.59 -6.76
CA PRO B 38 20.24 -20.87 -7.92
C PRO B 38 19.59 -19.50 -8.17
N CYS B 39 20.18 -18.70 -9.06
CA CYS B 39 19.60 -17.42 -9.44
C CYS B 39 18.18 -17.61 -9.93
N LYS B 40 17.21 -17.05 -9.20
CA LYS B 40 15.83 -17.07 -9.66
C LYS B 40 15.75 -16.22 -10.93
N GLU B 41 15.09 -16.74 -11.95
CA GLU B 41 15.11 -16.08 -13.26
C GLU B 41 14.18 -14.85 -13.37
N VAL B 42 12.97 -14.94 -12.82
CA VAL B 42 12.03 -13.81 -12.79
C VAL B 42 11.35 -13.72 -11.44
N ASN B 43 11.41 -12.55 -10.81
CA ASN B 43 10.79 -12.40 -9.49
C ASN B 43 10.36 -10.97 -9.22
N THR B 44 9.08 -10.82 -8.90
CA THR B 44 8.48 -9.51 -8.73
C THR B 44 8.17 -9.23 -7.27
N PHE B 45 8.62 -8.07 -6.80
CA PHE B 45 8.26 -7.59 -5.47
C PHE B 45 7.08 -6.65 -5.57
N ILE B 46 6.11 -6.82 -4.69
CA ILE B 46 4.94 -5.95 -4.63
C ILE B 46 5.19 -4.90 -3.56
N HIS B 47 4.89 -3.63 -3.87
CA HIS B 47 5.13 -2.57 -2.90
C HIS B 47 3.80 -2.02 -2.40
N ASP B 48 3.24 -2.69 -1.41
CA ASP B 48 1.95 -2.31 -0.86
C ASP B 48 1.78 -3.05 0.43
N THR B 49 0.65 -2.84 1.09
CA THR B 49 0.41 -3.49 2.37
C THR B 49 -0.01 -4.95 2.20
N LYS B 50 0.33 -5.75 3.22
CA LYS B 50 -0.13 -7.13 3.31
C LYS B 50 -1.65 -7.23 3.19
N ASN B 51 -2.35 -6.36 3.93
CA ASN B 51 -3.80 -6.25 3.91
C ASN B 51 -4.36 -6.03 2.49
N ASN B 52 -3.78 -5.10 1.73
CA ASN B 52 -4.27 -4.84 0.38
C ASN B 52 -3.99 -6.00 -0.59
N ILE B 53 -2.85 -6.65 -0.42
CA ILE B 53 -2.51 -7.82 -1.24
C ILE B 53 -3.45 -8.98 -0.90
N LYS B 54 -3.67 -9.20 0.40
CA LYS B 54 -4.58 -10.24 0.86
C LYS B 54 -6.00 -9.99 0.34
N ALA B 55 -6.38 -8.72 0.25
CA ALA B 55 -7.71 -8.33 -0.24
C ALA B 55 -7.96 -8.80 -1.68
N ILE B 56 -6.89 -9.11 -2.41
CA ILE B 56 -7.04 -9.66 -3.76
C ILE B 56 -7.69 -11.03 -3.65
N CYS B 57 -7.42 -11.75 -2.56
CA CYS B 57 -8.07 -13.03 -2.30
C CYS B 57 -9.56 -12.89 -1.96
N GLY B 58 -9.99 -11.68 -1.60
CA GLY B 58 -11.37 -11.43 -1.21
C GLY B 58 -12.03 -10.32 -2.02
N GLU B 59 -12.45 -9.27 -1.31
CA GLU B 59 -13.17 -8.15 -1.92
C GLU B 59 -12.49 -7.51 -3.14
N ASN B 60 -11.16 -7.38 -3.09
CA ASN B 60 -10.44 -6.57 -4.09
C ASN B 60 -9.80 -7.33 -5.24
N GLY B 61 -10.38 -8.48 -5.58
CA GLY B 61 -9.86 -9.28 -6.65
C GLY B 61 -10.95 -9.98 -7.44
N ASN B 62 -10.62 -10.37 -8.67
CA ASN B 62 -11.55 -11.08 -9.55
C ASN B 62 -10.96 -12.43 -9.90
N PRO B 63 -11.83 -13.43 -10.16
CA PRO B 63 -11.30 -14.71 -10.67
C PRO B 63 -10.55 -14.52 -12.00
N TYR B 64 -9.44 -15.22 -12.14
CA TYR B 64 -8.60 -15.10 -13.32
C TYR B 64 -8.02 -16.46 -13.66
N GLY B 65 -8.27 -16.94 -14.87
CA GLY B 65 -7.92 -18.30 -15.19
C GLY B 65 -8.69 -19.21 -14.25
N VAL B 66 -8.22 -20.45 -14.12
CA VAL B 66 -9.00 -21.44 -13.40
C VAL B 66 -9.02 -21.19 -11.89
N ASN B 67 -7.92 -20.68 -11.35
CA ASN B 67 -7.73 -20.67 -9.90
C ASN B 67 -7.06 -19.41 -9.37
N PHE B 68 -6.54 -18.57 -10.27
CA PHE B 68 -5.90 -17.35 -9.83
C PHE B 68 -6.91 -16.23 -9.55
N ARG B 69 -6.39 -15.13 -9.02
CA ARG B 69 -7.18 -13.92 -8.78
C ARG B 69 -6.41 -12.76 -9.38
N ILE B 70 -7.11 -11.84 -10.04
CA ILE B 70 -6.47 -10.61 -10.50
C ILE B 70 -6.91 -9.46 -9.59
N SER B 71 -6.00 -8.53 -9.29
CA SER B 71 -6.34 -7.42 -8.43
C SER B 71 -7.32 -6.51 -9.17
N ASN B 72 -8.20 -5.82 -8.43
CA ASN B 72 -9.13 -4.84 -9.03
C ASN B 72 -8.48 -3.50 -9.25
N SER B 73 -7.29 -3.32 -8.69
CA SER B 73 -6.54 -2.08 -8.90
C SER B 73 -5.07 -2.39 -9.16
N ARG B 74 -4.36 -1.39 -9.66
CA ARG B 74 -2.93 -1.54 -9.91
C ARG B 74 -2.15 -1.49 -8.62
N PHE B 75 -1.02 -2.20 -8.62
CA PHE B 75 -0.06 -2.24 -7.51
C PHE B 75 1.31 -1.77 -7.97
N GLN B 76 2.04 -1.05 -7.11
CA GLN B 76 3.45 -0.77 -7.39
C GLN B 76 4.24 -2.06 -7.27
N VAL B 77 5.05 -2.35 -8.28
CA VAL B 77 5.84 -3.58 -8.29
C VAL B 77 7.19 -3.34 -8.93
N THR B 78 8.15 -4.21 -8.61
CA THR B 78 9.44 -4.18 -9.26
C THR B 78 9.74 -5.61 -9.66
N THR B 79 9.91 -5.82 -10.95
CA THR B 79 10.20 -7.15 -11.42
C THR B 79 11.71 -7.26 -11.61
N CYS B 80 12.32 -8.25 -10.97
CA CYS B 80 13.73 -8.51 -11.16
C CYS B 80 13.88 -9.65 -12.15
N THR B 81 14.56 -9.37 -13.25
CA THR B 81 14.84 -10.39 -14.24
C THR B 81 16.33 -10.69 -14.29
N HIS B 82 16.64 -11.98 -14.20
CA HIS B 82 18.02 -12.44 -14.19
C HIS B 82 18.64 -12.21 -15.55
N LYS B 83 19.90 -11.77 -15.56
CA LYS B 83 20.62 -11.63 -16.83
C LYS B 83 21.87 -12.50 -16.79
N GLY B 84 22.42 -12.80 -17.95
CA GLY B 84 23.72 -13.45 -18.03
C GLY B 84 23.71 -14.97 -18.06
N GLY B 85 22.51 -15.56 -18.05
CA GLY B 85 22.39 -16.99 -18.27
C GLY B 85 22.78 -17.90 -17.12
N SER B 86 23.94 -17.68 -16.52
CA SER B 86 24.43 -18.61 -15.49
C SER B 86 23.61 -18.59 -14.20
N PRO B 87 23.25 -19.78 -13.71
CA PRO B 87 22.32 -19.91 -12.58
C PRO B 87 23.00 -19.89 -11.22
N ARG B 88 24.30 -19.59 -11.20
CA ARG B 88 25.03 -19.59 -9.93
C ARG B 88 25.37 -18.19 -9.46
N PRO B 89 25.29 -17.94 -8.14
CA PRO B 89 25.58 -16.63 -7.56
C PRO B 89 27.07 -16.27 -7.69
N PRO B 90 27.39 -14.96 -7.78
CA PRO B 90 26.48 -13.81 -7.66
C PRO B 90 25.54 -13.67 -8.85
N CYS B 91 24.33 -13.18 -8.58
CA CYS B 91 23.29 -13.10 -9.60
C CYS B 91 23.02 -11.65 -10.02
N GLN B 92 23.16 -11.38 -11.30
CA GLN B 92 22.87 -10.07 -11.82
C GLN B 92 21.43 -10.00 -12.29
N TYR B 93 20.81 -8.84 -12.06
CA TYR B 93 19.41 -8.65 -12.39
C TYR B 93 19.21 -7.33 -13.09
N ASN B 94 18.28 -7.31 -14.04
CA ASN B 94 17.66 -6.07 -14.47
C ASN B 94 16.41 -5.84 -13.62
N ALA B 95 16.05 -4.58 -13.40
CA ALA B 95 14.90 -4.23 -12.57
C ALA B 95 13.88 -3.44 -13.39
N PHE B 96 12.64 -3.93 -13.45
CA PHE B 96 11.58 -3.20 -14.16
C PHE B 96 10.48 -2.68 -13.22
N LYS B 97 10.41 -1.37 -13.06
CA LYS B 97 9.40 -0.77 -12.19
C LYS B 97 8.09 -0.66 -12.94
N ASP B 98 6.97 -0.92 -12.26
CA ASP B 98 5.69 -0.83 -12.94
C ASP B 98 4.57 -0.53 -11.96
N PHE B 99 3.45 -0.04 -12.49
CA PHE B 99 2.25 0.16 -11.69
C PHE B 99 1.13 -0.55 -12.45
N ARG B 100 0.75 -1.74 -11.98
CA ARG B 100 -0.02 -2.63 -12.84
C ARG B 100 -0.86 -3.61 -12.05
N TYR B 101 -1.84 -4.22 -12.72
CA TYR B 101 -2.60 -5.27 -12.07
C TYR B 101 -1.70 -6.46 -11.81
N ILE B 102 -2.02 -7.20 -10.75
CA ILE B 102 -1.23 -8.37 -10.43
C ILE B 102 -2.19 -9.56 -10.35
N VAL B 103 -1.69 -10.73 -10.73
CA VAL B 103 -2.44 -11.96 -10.64
C VAL B 103 -1.74 -12.85 -9.62
N ILE B 104 -2.50 -13.37 -8.66
CA ILE B 104 -1.94 -14.21 -7.62
C ILE B 104 -2.79 -15.47 -7.47
N ALA B 105 -2.27 -16.46 -6.76
CA ALA B 105 -3.10 -17.58 -6.29
C ALA B 105 -3.26 -17.42 -4.78
N CYS B 106 -4.46 -17.72 -4.32
CA CYS B 106 -4.81 -17.60 -2.93
C CYS B 106 -5.22 -18.95 -2.39
N GLU B 107 -4.99 -19.14 -1.10
CA GLU B 107 -5.39 -20.37 -0.45
C GLU B 107 -5.88 -20.00 0.94
N ASP B 108 -7.12 -20.35 1.23
CA ASP B 108 -7.74 -20.06 2.52
C ASP B 108 -7.66 -18.56 2.86
N GLY B 109 -7.85 -17.73 1.84
CA GLY B 109 -7.83 -16.28 2.01
C GLY B 109 -6.46 -15.63 2.00
N TRP B 110 -5.38 -16.40 1.78
CA TRP B 110 -4.03 -15.81 1.74
C TRP B 110 -3.36 -15.97 0.39
N PRO B 111 -2.55 -14.98 -0.01
CA PRO B 111 -1.69 -15.09 -1.21
C PRO B 111 -0.63 -16.18 -1.03
N VAL B 112 -0.50 -17.07 -2.02
CA VAL B 112 0.48 -18.16 -1.91
C VAL B 112 1.33 -18.26 -3.15
N HIS B 113 0.97 -17.54 -4.20
CA HIS B 113 1.71 -17.58 -5.45
CA HIS B 113 1.68 -17.61 -5.47
C HIS B 113 1.54 -16.31 -6.26
N PHE B 114 2.60 -15.91 -6.93
CA PHE B 114 2.56 -14.74 -7.79
C PHE B 114 2.74 -15.25 -9.24
N ASP B 115 1.82 -14.86 -10.11
CA ASP B 115 1.88 -15.25 -11.53
C ASP B 115 2.83 -14.31 -12.26
N GLU B 116 4.07 -14.77 -12.48
CA GLU B 116 5.08 -13.94 -13.15
C GLU B 116 4.79 -13.83 -14.63
N SER B 117 3.95 -14.72 -15.15
CA SER B 117 3.65 -14.77 -16.58
C SER B 117 2.50 -13.84 -16.97
N PHE B 118 1.78 -13.31 -15.98
CA PHE B 118 0.71 -12.38 -16.29
C PHE B 118 1.25 -11.09 -16.91
N ILE B 119 0.61 -10.62 -17.99
CA ILE B 119 0.98 -9.37 -18.63
C ILE B 119 -0.17 -8.37 -18.47
N SER B 120 0.05 -7.35 -17.65
CA SER B 120 -1.01 -6.44 -17.29
C SER B 120 -1.31 -5.40 -18.35
N PRO B 121 -2.60 -4.97 -18.45
CA PRO B 121 -2.88 -3.77 -19.24
C PRO B 121 -2.48 -2.51 -18.45
#